data_5HSX
#
_entry.id   5HSX
#
_cell.length_a   109.190
_cell.length_b   132.600
_cell.length_c   55.570
_cell.angle_alpha   90.000
_cell.angle_beta   90.000
_cell.angle_gamma   90.000
#
_symmetry.space_group_name_H-M   'P 21 21 2'
#
loop_
_entity.id
_entity.type
_entity.pdbx_description
1 polymer 'Putative alpha-ketoglutarate-dependent taurine dioxygenase'
2 non-polymer 'SODIUM ION'
3 non-polymer 1,2-ETHANEDIOL
4 non-polymer GLYCEROL
5 water water
#
_entity_poly.entity_id   1
_entity_poly.type   'polypeptide(L)'
_entity_poly.pdbx_seq_one_letter_code
;MAHHHHHHMSAAAVQEIQSIEVTPLSAHIGAEIHGVDLTQKLEARQIAEIRAALLKWRVVFFREQFLTHEQHVAFSAQFG
ELTLGHPVFGHVEGHPEVYSISKYRKATRFEGQTLQRPWTGWHTDVTAAVNPPWASILRGVTIPPYGGDTQWTNLVAAYQ
KLSAPLRSFVDGLRGIHRFTPPAGASGTQAFVEAVEQRILVTEHPLVRVHPETGERALYVSPSFLKSIVGVSPRESQVLL
ELLWEHVTRPEFTVRFKWQAGSVAFWDNRATAHLAPTDIFDLDFDRQLYRTTLVGDVPVGPDGTQSVAIEGSPVSAAAAV
ALN
;
_entity_poly.pdbx_strand_id   A,B
#
loop_
_chem_comp.id
_chem_comp.type
_chem_comp.name
_chem_comp.formula
EDO non-polymer 1,2-ETHANEDIOL 'C2 H6 O2'
GOL non-polymer GLYCEROL 'C3 H8 O3'
NA non-polymer 'SODIUM ION' 'Na 1'
#
# COMPACT_ATOMS: atom_id res chain seq x y z
N SER A 19 -16.67 -14.45 23.75
CA SER A 19 -16.95 -13.78 22.47
C SER A 19 -15.72 -13.01 21.97
N ILE A 20 -15.33 -13.26 20.72
CA ILE A 20 -14.12 -12.65 20.19
C ILE A 20 -14.36 -11.18 19.86
N GLU A 21 -13.28 -10.41 19.84
CA GLU A 21 -13.31 -9.00 19.48
C GLU A 21 -12.69 -8.84 18.10
N VAL A 22 -13.41 -8.19 17.20
CA VAL A 22 -12.98 -8.01 15.81
C VAL A 22 -12.75 -6.53 15.57
N THR A 23 -11.56 -6.19 15.08
CA THR A 23 -11.17 -4.79 14.86
C THR A 23 -10.78 -4.61 13.40
N PRO A 24 -11.68 -4.06 12.57
CA PRO A 24 -11.38 -3.92 11.14
C PRO A 24 -10.18 -3.01 10.92
N LEU A 25 -9.46 -3.25 9.82
CA LEU A 25 -8.26 -2.50 9.52
C LEU A 25 -8.38 -1.62 8.28
N SER A 26 -9.42 -1.80 7.49
CA SER A 26 -9.69 -0.95 6.34
C SER A 26 -11.19 -1.04 6.06
N ALA A 27 -11.64 -0.35 5.00
CA ALA A 27 -13.07 -0.27 4.75
C ALA A 27 -13.67 -1.64 4.47
N HIS A 28 -12.96 -2.51 3.75
CA HIS A 28 -13.56 -3.79 3.37
CA HIS A 28 -13.55 -3.78 3.37
C HIS A 28 -12.60 -4.98 3.42
N ILE A 29 -11.40 -4.84 3.97
CA ILE A 29 -10.55 -6.03 4.06
C ILE A 29 -9.61 -5.92 5.26
N GLY A 30 -9.51 -7.03 6.01
CA GLY A 30 -8.56 -7.15 7.11
C GLY A 30 -9.15 -6.78 8.44
N ALA A 31 -8.96 -7.65 9.44
CA ALA A 31 -9.41 -7.36 10.79
C ALA A 31 -8.53 -8.10 11.78
N GLU A 32 -8.22 -7.45 12.90
CA GLU A 32 -7.55 -8.12 14.01
C GLU A 32 -8.59 -8.79 14.89
N ILE A 33 -8.23 -9.97 15.40
CA ILE A 33 -9.06 -10.71 16.34
C ILE A 33 -8.32 -10.78 17.67
N HIS A 34 -9.00 -10.42 18.75
CA HIS A 34 -8.47 -10.53 20.10
C HIS A 34 -9.41 -11.32 20.97
N GLY A 35 -8.89 -11.82 22.08
CA GLY A 35 -9.68 -12.57 23.03
C GLY A 35 -9.67 -14.07 22.83
N VAL A 36 -8.76 -14.60 22.04
CA VAL A 36 -8.66 -16.03 21.80
CA VAL A 36 -8.66 -16.03 21.78
C VAL A 36 -7.23 -16.48 22.05
N ASP A 37 -7.08 -17.61 22.73
CA ASP A 37 -5.76 -18.20 23.01
C ASP A 37 -5.58 -19.38 22.06
N LEU A 38 -4.79 -19.17 21.01
CA LEU A 38 -4.68 -20.18 19.95
C LEU A 38 -3.85 -21.39 20.36
N THR A 39 -3.23 -21.38 21.53
CA THR A 39 -2.52 -22.57 22.01
C THR A 39 -3.48 -23.64 22.53
N GLN A 40 -4.76 -23.31 22.72
CA GLN A 40 -5.75 -24.21 23.27
C GLN A 40 -6.75 -24.61 22.20
N LYS A 41 -7.37 -25.78 22.40
CA LYS A 41 -8.55 -26.15 21.62
C LYS A 41 -9.64 -25.12 21.83
N LEU A 42 -10.17 -24.59 20.74
CA LEU A 42 -11.24 -23.60 20.83
C LEU A 42 -12.59 -24.29 20.91
N GLU A 43 -13.53 -23.63 21.57
CA GLU A 43 -14.91 -24.12 21.60
C GLU A 43 -15.62 -23.76 20.30
N ALA A 44 -16.74 -24.44 20.04
CA ALA A 44 -17.42 -24.33 18.75
C ALA A 44 -17.86 -22.90 18.48
N ARG A 45 -18.30 -22.18 19.51
CA ARG A 45 -18.72 -20.80 19.31
C ARG A 45 -17.57 -19.93 18.85
N GLN A 46 -16.39 -20.11 19.45
CA GLN A 46 -15.23 -19.33 19.03
C GLN A 46 -14.84 -19.64 17.60
N ILE A 47 -14.81 -20.92 17.25
CA ILE A 47 -14.48 -21.32 15.88
C ILE A 47 -15.45 -20.67 14.89
N ALA A 48 -16.75 -20.76 15.19
CA ALA A 48 -17.75 -20.17 14.30
C ALA A 48 -17.56 -18.67 14.16
N GLU A 49 -17.25 -17.98 15.27
CA GLU A 49 -17.07 -16.54 15.20
C GLU A 49 -15.84 -16.18 14.38
N ILE A 50 -14.75 -16.94 14.53
CA ILE A 50 -13.55 -16.68 13.72
C ILE A 50 -13.85 -16.93 12.25
N ARG A 51 -14.56 -18.03 11.95
CA ARG A 51 -14.85 -18.33 10.55
C ARG A 51 -15.72 -17.24 9.92
N ALA A 52 -16.71 -16.74 10.67
CA ALA A 52 -17.55 -15.66 10.14
C ALA A 52 -16.74 -14.39 9.93
N ALA A 53 -15.84 -14.08 10.87
CA ALA A 53 -14.97 -12.90 10.71
C ALA A 53 -14.07 -13.06 9.50
N LEU A 54 -13.56 -14.28 9.27
CA LEU A 54 -12.73 -14.54 8.10
C LEU A 54 -13.51 -14.35 6.80
N LEU A 55 -14.72 -14.93 6.74
CA LEU A 55 -15.52 -14.77 5.52
C LEU A 55 -15.86 -13.31 5.27
N LYS A 56 -16.10 -12.54 6.34
CA LYS A 56 -16.51 -11.16 6.20
C LYS A 56 -15.36 -10.24 5.82
N TRP A 57 -14.19 -10.45 6.41
CA TRP A 57 -13.08 -9.50 6.26
C TRP A 57 -11.95 -10.03 5.38
N ARG A 58 -12.05 -11.26 4.88
CA ARG A 58 -11.19 -11.86 3.86
C ARG A 58 -9.85 -12.32 4.42
N VAL A 59 -9.26 -11.53 5.32
CA VAL A 59 -8.06 -11.96 6.07
C VAL A 59 -8.19 -11.46 7.50
N VAL A 60 -7.89 -12.33 8.46
CA VAL A 60 -7.92 -11.92 9.86
C VAL A 60 -6.57 -12.18 10.48
N PHE A 61 -6.24 -11.37 11.49
CA PHE A 61 -4.91 -11.38 12.08
C PHE A 61 -5.02 -11.57 13.58
N PHE A 62 -4.05 -12.28 14.13
CA PHE A 62 -3.90 -12.47 15.56
C PHE A 62 -2.53 -11.96 15.97
N ARG A 63 -2.43 -11.47 17.20
CA ARG A 63 -1.18 -11.00 17.77
C ARG A 63 -0.85 -11.77 19.03
N GLU A 64 0.45 -11.91 19.30
CA GLU A 64 0.95 -12.51 20.55
C GLU A 64 0.45 -13.96 20.72
N GLN A 65 0.48 -14.71 19.62
CA GLN A 65 0.12 -16.14 19.61
C GLN A 65 1.40 -16.91 19.30
N PHE A 66 2.09 -17.35 20.34
CA PHE A 66 3.38 -18.03 20.19
C PHE A 66 3.11 -19.51 20.22
N LEU A 67 3.11 -20.13 19.03
CA LEU A 67 2.63 -21.49 18.85
C LEU A 67 3.77 -22.43 18.48
N THR A 68 3.64 -23.67 18.93
CA THR A 68 4.44 -24.74 18.35
C THR A 68 3.87 -25.13 17.00
N HIS A 69 4.64 -25.89 16.21
CA HIS A 69 4.09 -26.44 14.98
C HIS A 69 2.87 -27.29 15.24
N GLU A 70 2.90 -28.09 16.32
CA GLU A 70 1.76 -28.93 16.65
CA GLU A 70 1.76 -28.93 16.65
C GLU A 70 0.51 -28.10 16.91
N GLN A 71 0.66 -26.99 17.64
CA GLN A 71 -0.47 -26.12 17.94
C GLN A 71 -0.96 -25.38 16.70
N HIS A 72 -0.04 -25.00 15.82
CA HIS A 72 -0.41 -24.40 14.54
C HIS A 72 -1.30 -25.35 13.73
N VAL A 73 -0.90 -26.61 13.64
CA VAL A 73 -1.70 -27.61 12.93
C VAL A 73 -3.05 -27.79 13.59
N ALA A 74 -3.07 -27.90 14.92
CA ALA A 74 -4.32 -28.13 15.65
C ALA A 74 -5.29 -26.97 15.46
N PHE A 75 -4.78 -25.74 15.54
CA PHE A 75 -5.62 -24.59 15.27
C PHE A 75 -6.20 -24.66 13.87
N SER A 76 -5.35 -25.01 12.88
CA SER A 76 -5.79 -25.06 11.50
C SER A 76 -6.87 -26.10 11.29
N ALA A 77 -6.73 -27.26 11.95
CA ALA A 77 -7.63 -28.38 11.71
C ALA A 77 -9.05 -28.09 12.19
N GLN A 78 -9.23 -27.06 13.02
CA GLN A 78 -10.57 -26.68 13.44
C GLN A 78 -11.38 -26.04 12.33
N PHE A 79 -10.75 -25.65 11.23
CA PHE A 79 -11.43 -24.98 10.14
C PHE A 79 -11.47 -25.78 8.84
N GLY A 80 -10.76 -26.90 8.77
CA GLY A 80 -10.77 -27.68 7.55
C GLY A 80 -9.73 -28.78 7.60
N GLU A 81 -9.50 -29.37 6.44
CA GLU A 81 -8.55 -30.48 6.28
C GLU A 81 -7.20 -29.92 5.85
N LEU A 82 -6.13 -30.34 6.53
CA LEU A 82 -4.80 -29.84 6.21
C LEU A 82 -4.27 -30.45 4.91
N THR A 83 -3.67 -29.61 4.07
CA THR A 83 -2.93 -30.13 2.92
C THR A 83 -1.62 -30.76 3.38
N LEU A 84 -1.17 -31.76 2.63
CA LEU A 84 0.08 -32.46 2.93
C LEU A 84 1.01 -32.22 1.75
N GLY A 85 1.83 -31.17 1.84
CA GLY A 85 2.78 -30.85 0.79
C GLY A 85 3.81 -31.93 0.57
N VAL A 88 9.91 -32.01 0.13
CA VAL A 88 11.23 -31.44 0.39
C VAL A 88 11.17 -29.91 0.44
N PHE A 89 10.25 -29.33 -0.33
CA PHE A 89 10.12 -27.88 -0.39
C PHE A 89 9.51 -27.36 0.91
N GLY A 90 10.20 -26.41 1.56
CA GLY A 90 9.74 -25.86 2.82
C GLY A 90 9.53 -26.90 3.90
N HIS A 91 10.27 -28.01 3.82
CA HIS A 91 10.05 -29.15 4.71
C HIS A 91 10.24 -28.77 6.17
N VAL A 92 9.30 -29.19 7.02
CA VAL A 92 9.39 -29.03 8.47
C VAL A 92 9.46 -30.42 9.08
N GLU A 93 10.55 -30.71 9.78
CA GLU A 93 10.76 -32.04 10.34
C GLU A 93 9.63 -32.41 11.29
N GLY A 94 9.05 -33.59 11.07
CA GLY A 94 7.99 -34.11 11.91
C GLY A 94 6.61 -33.55 11.64
N HIS A 95 6.46 -32.66 10.67
CA HIS A 95 5.17 -32.00 10.39
C HIS A 95 5.01 -31.79 8.90
N PRO A 96 4.56 -32.83 8.17
CA PRO A 96 4.34 -32.68 6.72
C PRO A 96 3.32 -31.61 6.36
N GLU A 97 2.49 -31.15 7.31
CA GLU A 97 1.49 -30.14 7.02
C GLU A 97 2.03 -28.71 7.08
N VAL A 98 3.22 -28.52 7.62
CA VAL A 98 3.75 -27.18 7.88
C VAL A 98 4.84 -26.88 6.87
N TYR A 99 4.78 -25.71 6.25
CA TYR A 99 5.74 -25.27 5.25
CA TYR A 99 5.75 -25.29 5.25
C TYR A 99 6.60 -24.16 5.83
N SER A 100 7.91 -24.28 5.67
CA SER A 100 8.83 -23.25 6.17
C SER A 100 8.99 -22.14 5.15
N ILE A 101 8.72 -20.90 5.56
CA ILE A 101 8.97 -19.71 4.75
C ILE A 101 10.22 -19.05 5.35
N SER A 102 11.38 -19.30 4.73
CA SER A 102 12.65 -18.83 5.25
C SER A 102 13.30 -17.86 4.29
N LYS A 103 14.01 -16.87 4.85
CA LYS A 103 14.80 -15.96 4.04
C LYS A 103 15.81 -16.71 3.16
N TYR A 104 16.25 -17.89 3.61
CA TYR A 104 17.21 -18.69 2.86
C TYR A 104 16.59 -19.98 2.34
N GLN A 113 16.84 -10.14 -12.19
CA GLN A 113 16.00 -8.98 -12.48
C GLN A 113 14.70 -9.40 -13.18
N THR A 114 13.58 -9.08 -12.54
CA THR A 114 12.25 -9.39 -13.04
C THR A 114 11.60 -8.12 -13.61
N LEU A 115 10.54 -8.34 -14.37
CA LEU A 115 9.84 -7.23 -15.02
C LEU A 115 8.78 -6.71 -14.06
N GLN A 116 8.96 -5.47 -13.60
CA GLN A 116 8.18 -4.89 -12.50
C GLN A 116 6.97 -4.14 -13.05
N ARG A 117 5.77 -4.65 -12.77
CA ARG A 117 4.47 -4.02 -13.04
C ARG A 117 3.69 -3.92 -11.72
N PRO A 118 2.58 -3.18 -11.69
CA PRO A 118 1.82 -3.08 -10.42
C PRO A 118 1.37 -4.40 -9.87
N TRP A 119 1.12 -5.38 -10.73
CA TRP A 119 0.63 -6.68 -10.26
C TRP A 119 1.75 -7.67 -9.99
N THR A 120 3.01 -7.28 -10.16
CA THR A 120 4.10 -8.23 -9.95
C THR A 120 4.08 -8.76 -8.52
N GLY A 121 4.14 -10.09 -8.38
CA GLY A 121 4.18 -10.73 -7.08
C GLY A 121 2.81 -11.06 -6.50
N TRP A 122 1.74 -10.44 -7.00
CA TRP A 122 0.39 -10.68 -6.47
C TRP A 122 -0.11 -12.03 -6.94
N HIS A 123 -0.69 -12.81 -6.03
CA HIS A 123 -1.12 -14.15 -6.41
C HIS A 123 -2.10 -14.71 -5.39
N THR A 124 -2.87 -15.70 -5.84
CA THR A 124 -3.68 -16.54 -4.99
C THR A 124 -3.04 -17.93 -4.94
N ASP A 125 -3.01 -18.53 -3.74
CA ASP A 125 -2.21 -19.74 -3.51
C ASP A 125 -2.58 -20.89 -4.46
N VAL A 126 -1.57 -21.40 -5.17
CA VAL A 126 -1.65 -22.61 -6.00
C VAL A 126 -2.86 -22.63 -6.94
N THR A 127 -3.15 -21.53 -7.62
CA THR A 127 -4.28 -21.60 -8.55
C THR A 127 -3.94 -22.31 -9.85
N ALA A 128 -2.68 -22.73 -10.05
CA ALA A 128 -2.43 -23.64 -11.16
C ALA A 128 -3.04 -25.03 -10.95
N ALA A 129 -3.49 -25.34 -9.74
CA ALA A 129 -4.12 -26.64 -9.47
C ALA A 129 -5.64 -26.55 -9.66
N VAL A 130 -6.26 -27.73 -9.85
CA VAL A 130 -7.71 -27.74 -10.10
C VAL A 130 -8.49 -27.46 -8.82
N ASN A 131 -7.91 -27.76 -7.65
CA ASN A 131 -8.56 -27.52 -6.36
C ASN A 131 -7.62 -26.73 -5.45
N PRO A 132 -7.51 -25.42 -5.67
CA PRO A 132 -6.60 -24.61 -4.85
C PRO A 132 -7.03 -24.65 -3.40
N PRO A 133 -6.08 -24.54 -2.46
CA PRO A 133 -6.45 -24.54 -1.04
C PRO A 133 -7.34 -23.35 -0.73
N TRP A 134 -8.39 -23.58 0.07
CA TRP A 134 -9.33 -22.49 0.27
C TRP A 134 -8.84 -21.46 1.29
N ALA A 135 -7.92 -21.83 2.18
CA ALA A 135 -7.39 -20.88 3.15
C ALA A 135 -5.94 -21.21 3.47
N SER A 136 -5.23 -20.21 3.97
CA SER A 136 -3.88 -20.41 4.47
C SER A 136 -3.75 -19.74 5.84
N ILE A 137 -2.90 -20.33 6.68
CA ILE A 137 -2.63 -19.80 8.02
C ILE A 137 -1.12 -19.65 8.13
N LEU A 138 -0.65 -18.41 8.24
CA LEU A 138 0.77 -18.10 8.26
C LEU A 138 1.13 -17.45 9.59
N ARG A 139 2.12 -18.01 10.28
CA ARG A 139 2.51 -17.48 11.59
C ARG A 139 3.97 -17.04 11.56
N GLY A 140 4.26 -15.93 12.25
CA GLY A 140 5.58 -15.34 12.26
C GLY A 140 6.36 -15.75 13.49
N VAL A 141 7.56 -16.28 13.26
CA VAL A 141 8.42 -16.79 14.32
C VAL A 141 9.65 -15.93 14.50
N THR A 142 10.40 -15.71 13.43
CA THR A 142 11.55 -14.80 13.45
C THR A 142 11.17 -13.62 12.56
N ILE A 143 10.96 -12.45 13.17
CA ILE A 143 10.35 -11.34 12.44
C ILE A 143 11.26 -10.11 12.52
N PRO A 144 11.66 -9.55 11.39
CA PRO A 144 12.50 -8.36 11.40
C PRO A 144 11.83 -7.22 12.14
N PRO A 145 12.62 -6.36 12.81
CA PRO A 145 12.05 -5.15 13.43
C PRO A 145 11.31 -4.24 12.47
N TYR A 146 11.76 -4.20 11.21
CA TYR A 146 11.03 -3.51 10.15
C TYR A 146 11.42 -4.15 8.84
N GLY A 147 10.59 -3.90 7.82
CA GLY A 147 10.65 -4.62 6.57
C GLY A 147 9.85 -5.90 6.62
N GLY A 148 9.49 -6.40 5.44
CA GLY A 148 8.84 -7.69 5.35
C GLY A 148 7.34 -7.69 5.53
N ASP A 149 6.68 -6.56 5.33
CA ASP A 149 5.22 -6.51 5.41
C ASP A 149 4.59 -7.34 4.29
N THR A 150 3.37 -7.82 4.56
CA THR A 150 2.58 -8.56 3.59
C THR A 150 1.31 -7.76 3.27
N GLN A 151 0.84 -7.88 2.02
CA GLN A 151 -0.41 -7.21 1.63
C GLN A 151 -1.39 -8.21 1.04
N TRP A 152 -2.67 -7.91 1.20
CA TRP A 152 -3.77 -8.68 0.63
C TRP A 152 -4.69 -7.75 -0.13
N THR A 153 -5.38 -8.29 -1.14
CA THR A 153 -6.37 -7.51 -1.87
C THR A 153 -7.68 -8.29 -1.91
N ASN A 154 -8.78 -7.53 -1.94
CA ASN A 154 -10.13 -8.07 -1.85
C ASN A 154 -10.66 -8.27 -3.27
N LEU A 155 -10.68 -9.53 -3.73
CA LEU A 155 -11.11 -9.82 -5.09
C LEU A 155 -12.62 -9.74 -5.26
N VAL A 156 -13.37 -9.81 -4.17
CA VAL A 156 -14.82 -9.62 -4.27
C VAL A 156 -15.14 -8.14 -4.45
N ALA A 157 -14.56 -7.29 -3.62
CA ALA A 157 -14.72 -5.85 -3.82
C ALA A 157 -14.25 -5.45 -5.22
N ALA A 158 -13.14 -6.02 -5.69
CA ALA A 158 -12.64 -5.68 -7.01
C ALA A 158 -13.64 -6.07 -8.11
N TYR A 159 -14.20 -7.28 -8.01
CA TYR A 159 -15.24 -7.66 -8.98
C TYR A 159 -16.39 -6.64 -8.95
N GLN A 160 -16.85 -6.28 -7.75
CA GLN A 160 -18.06 -5.47 -7.64
C GLN A 160 -17.84 -4.06 -8.18
N LYS A 161 -16.59 -3.59 -8.17
CA LYS A 161 -16.26 -2.26 -8.65
C LYS A 161 -15.97 -2.20 -10.14
N LEU A 162 -15.84 -3.34 -10.82
CA LEU A 162 -15.90 -3.30 -12.28
C LEU A 162 -17.26 -2.72 -12.67
N SER A 163 -17.29 -2.01 -13.81
CA SER A 163 -18.58 -1.54 -14.31
C SER A 163 -19.46 -2.74 -14.70
N ALA A 164 -20.77 -2.50 -14.78
CA ALA A 164 -21.70 -3.58 -15.11
C ALA A 164 -21.36 -4.28 -16.42
N PRO A 165 -21.04 -3.59 -17.52
CA PRO A 165 -20.70 -4.33 -18.74
C PRO A 165 -19.46 -5.16 -18.61
N LEU A 166 -18.47 -4.69 -17.83
CA LEU A 166 -17.26 -5.47 -17.61
C LEU A 166 -17.54 -6.69 -16.76
N ARG A 167 -18.36 -6.55 -15.71
CA ARG A 167 -18.75 -7.72 -14.90
C ARG A 167 -19.41 -8.78 -15.77
N SER A 168 -20.40 -8.39 -16.59
CA SER A 168 -21.10 -9.36 -17.43
CA SER A 168 -21.10 -9.36 -17.43
C SER A 168 -20.16 -10.03 -18.41
N PHE A 169 -19.19 -9.26 -18.94
CA PHE A 169 -18.20 -9.83 -19.85
C PHE A 169 -17.31 -10.85 -19.15
N VAL A 170 -16.72 -10.49 -18.00
CA VAL A 170 -15.79 -11.43 -17.37
C VAL A 170 -16.53 -12.62 -16.77
N ASP A 171 -17.82 -12.49 -16.46
CA ASP A 171 -18.58 -13.63 -15.93
C ASP A 171 -18.46 -14.86 -16.81
N GLY A 172 -18.42 -14.65 -18.13
CA GLY A 172 -18.39 -15.72 -19.09
C GLY A 172 -17.01 -16.16 -19.54
N LEU A 173 -15.93 -15.62 -18.97
CA LEU A 173 -14.59 -15.93 -19.45
C LEU A 173 -13.91 -16.98 -18.55
N ARG A 174 -12.97 -17.70 -19.17
CA ARG A 174 -12.17 -18.71 -18.52
C ARG A 174 -10.70 -18.36 -18.73
N GLY A 175 -9.87 -18.77 -17.77
CA GLY A 175 -8.46 -18.48 -17.81
C GLY A 175 -7.61 -19.69 -17.53
N ILE A 176 -6.45 -19.72 -18.19
CA ILE A 176 -5.47 -20.78 -18.01
C ILE A 176 -4.44 -20.33 -16.97
N HIS A 177 -4.33 -21.08 -15.87
CA HIS A 177 -3.31 -20.88 -14.86
C HIS A 177 -2.21 -21.93 -15.01
N ARG A 178 -0.95 -21.51 -14.91
CA ARG A 178 0.18 -22.41 -15.09
C ARG A 178 1.21 -22.20 -13.99
N PHE A 179 1.82 -23.30 -13.57
CA PHE A 179 3.01 -23.28 -12.72
C PHE A 179 3.97 -24.35 -13.23
N THR A 180 5.23 -23.96 -13.42
CA THR A 180 6.28 -24.92 -13.75
C THR A 180 7.40 -24.75 -12.73
N PRO A 181 7.71 -25.77 -11.91
CA PRO A 181 8.76 -25.68 -10.89
C PRO A 181 10.16 -25.65 -11.48
N ARG A 198 4.57 -31.79 -10.56
CA ARG A 198 5.51 -31.00 -11.35
C ARG A 198 4.78 -29.87 -12.10
N ILE A 199 4.62 -30.03 -13.41
CA ILE A 199 4.00 -28.99 -14.25
C ILE A 199 2.49 -29.05 -14.08
N LEU A 200 1.89 -27.90 -13.74
CA LEU A 200 0.46 -27.80 -13.48
C LEU A 200 -0.17 -26.83 -14.47
N VAL A 201 -1.26 -27.24 -15.12
CA VAL A 201 -2.06 -26.35 -15.97
C VAL A 201 -3.53 -26.61 -15.68
N THR A 202 -4.28 -25.53 -15.39
CA THR A 202 -5.69 -25.67 -15.06
C THR A 202 -6.47 -24.53 -15.71
N GLU A 203 -7.67 -24.83 -16.21
CA GLU A 203 -8.61 -23.81 -16.66
C GLU A 203 -9.58 -23.47 -15.54
N HIS A 204 -9.56 -22.22 -15.08
CA HIS A 204 -10.44 -21.71 -14.03
C HIS A 204 -11.40 -20.68 -14.61
N PRO A 205 -12.56 -20.45 -13.98
CA PRO A 205 -13.36 -19.29 -14.34
C PRO A 205 -12.64 -18.02 -13.95
N LEU A 206 -12.82 -16.96 -14.75
CA LEU A 206 -12.28 -15.66 -14.33
C LEU A 206 -13.06 -15.09 -13.16
N VAL A 207 -14.32 -15.50 -12.99
CA VAL A 207 -15.13 -15.07 -11.85
C VAL A 207 -15.48 -16.31 -11.05
N ARG A 208 -15.02 -16.36 -9.80
CA ARG A 208 -15.25 -17.53 -8.96
C ARG A 208 -16.39 -17.24 -7.98
N VAL A 209 -17.42 -18.10 -8.00
CA VAL A 209 -18.54 -17.95 -7.07
C VAL A 209 -18.17 -18.58 -5.73
N HIS A 210 -18.17 -17.76 -4.67
CA HIS A 210 -17.75 -18.22 -3.36
C HIS A 210 -18.70 -19.29 -2.82
N PRO A 211 -18.19 -20.48 -2.46
CA PRO A 211 -19.08 -21.58 -2.06
C PRO A 211 -19.82 -21.35 -0.75
N GLU A 212 -19.37 -20.45 0.11
CA GLU A 212 -20.06 -20.23 1.39
C GLU A 212 -20.90 -18.96 1.42
N THR A 213 -20.47 -17.89 0.74
CA THR A 213 -21.19 -16.62 0.76
C THR A 213 -21.96 -16.34 -0.52
N GLY A 214 -21.69 -17.06 -1.61
CA GLY A 214 -22.30 -16.77 -2.88
C GLY A 214 -21.78 -15.54 -3.58
N GLU A 215 -20.80 -14.85 -3.00
CA GLU A 215 -20.23 -13.67 -3.63
C GLU A 215 -19.38 -14.04 -4.85
N ARG A 216 -19.18 -13.08 -5.74
CA ARG A 216 -18.35 -13.29 -6.91
C ARG A 216 -16.99 -12.61 -6.72
N ALA A 217 -15.93 -13.38 -6.94
CA ALA A 217 -14.56 -12.89 -6.82
C ALA A 217 -13.92 -12.80 -8.20
N LEU A 218 -13.19 -11.69 -8.44
CA LEU A 218 -12.41 -11.54 -9.66
C LEU A 218 -11.15 -12.39 -9.52
N TYR A 219 -11.18 -13.60 -10.08
CA TYR A 219 -10.27 -14.68 -9.71
C TYR A 219 -9.04 -14.67 -10.63
N VAL A 220 -8.23 -13.60 -10.50
CA VAL A 220 -7.28 -13.29 -11.56
C VAL A 220 -5.83 -13.51 -11.12
N SER A 221 -5.60 -14.22 -10.00
CA SER A 221 -4.30 -14.72 -9.54
C SER A 221 -3.11 -14.31 -10.41
N PRO A 222 -2.56 -13.10 -10.23
CA PRO A 222 -1.71 -12.55 -11.30
C PRO A 222 -0.44 -13.34 -11.58
N SER A 223 0.16 -14.01 -10.59
CA SER A 223 1.38 -14.76 -10.87
C SER A 223 1.13 -16.01 -11.70
N PHE A 224 -0.09 -16.55 -11.67
CA PHE A 224 -0.36 -17.84 -12.28
C PHE A 224 -1.27 -17.79 -13.50
N LEU A 225 -2.18 -16.83 -13.57
CA LEU A 225 -3.10 -16.73 -14.70
C LEU A 225 -2.34 -16.22 -15.92
N LYS A 226 -2.33 -17.00 -17.00
CA LYS A 226 -1.50 -16.69 -18.17
C LYS A 226 -2.28 -16.19 -19.37
N SER A 227 -3.49 -16.67 -19.59
CA SER A 227 -4.23 -16.29 -20.78
C SER A 227 -5.72 -16.49 -20.54
N ILE A 228 -6.51 -15.78 -21.33
CA ILE A 228 -7.95 -15.92 -21.34
C ILE A 228 -8.33 -16.81 -22.51
N VAL A 229 -9.11 -17.86 -22.24
CA VAL A 229 -9.49 -18.81 -23.27
C VAL A 229 -10.40 -18.15 -24.30
N GLY A 230 -10.15 -18.43 -25.58
CA GLY A 230 -11.09 -18.09 -26.64
C GLY A 230 -10.96 -16.69 -27.22
N VAL A 231 -9.98 -15.92 -26.77
CA VAL A 231 -9.71 -14.59 -27.31
C VAL A 231 -8.30 -14.60 -27.89
N SER A 232 -7.97 -13.57 -28.67
CA SER A 232 -6.65 -13.53 -29.29
C SER A 232 -5.58 -13.23 -28.25
N PRO A 233 -4.31 -13.54 -28.56
CA PRO A 233 -3.23 -13.23 -27.61
C PRO A 233 -3.20 -11.77 -27.20
N ARG A 234 -3.43 -10.83 -28.12
CA ARG A 234 -3.37 -9.42 -27.74
C ARG A 234 -4.61 -9.03 -26.93
N GLU A 235 -5.78 -9.53 -27.33
CA GLU A 235 -6.98 -9.30 -26.52
C GLU A 235 -6.78 -9.82 -25.11
N SER A 236 -6.23 -11.04 -24.98
CA SER A 236 -5.99 -11.61 -23.65
C SER A 236 -5.04 -10.72 -22.85
N GLN A 237 -3.94 -10.31 -23.47
CA GLN A 237 -2.95 -9.49 -22.77
C GLN A 237 -3.57 -8.20 -22.25
N VAL A 238 -4.32 -7.49 -23.11
CA VAL A 238 -4.91 -6.21 -22.73
C VAL A 238 -5.91 -6.38 -21.59
N LEU A 239 -6.78 -7.39 -21.70
CA LEU A 239 -7.80 -7.60 -20.68
C LEU A 239 -7.18 -8.01 -19.35
N LEU A 240 -6.17 -8.90 -19.38
CA LEU A 240 -5.50 -9.27 -18.13
C LEU A 240 -4.84 -8.05 -17.48
N GLU A 241 -4.14 -7.23 -18.26
CA GLU A 241 -3.50 -6.06 -17.66
C GLU A 241 -4.53 -5.08 -17.10
N LEU A 242 -5.67 -4.95 -17.77
CA LEU A 242 -6.78 -4.16 -17.22
C LEU A 242 -7.21 -4.68 -15.85
N LEU A 243 -7.50 -5.98 -15.77
CA LEU A 243 -8.01 -6.55 -14.52
C LEU A 243 -6.93 -6.58 -13.45
N TRP A 244 -5.68 -6.78 -13.83
CA TRP A 244 -4.61 -6.82 -12.84
C TRP A 244 -4.31 -5.45 -12.29
N GLU A 245 -4.33 -4.42 -13.14
CA GLU A 245 -4.21 -3.06 -12.63
C GLU A 245 -5.37 -2.75 -11.69
N HIS A 246 -6.57 -3.20 -12.05
CA HIS A 246 -7.75 -2.95 -11.24
C HIS A 246 -7.62 -3.58 -9.85
N VAL A 247 -7.21 -4.85 -9.77
CA VAL A 247 -7.29 -5.55 -8.47
C VAL A 247 -6.21 -5.07 -7.51
N THR A 248 -5.19 -4.37 -8.00
CA THR A 248 -4.15 -3.87 -7.12
C THR A 248 -4.35 -2.42 -6.71
N ARG A 249 -5.52 -1.84 -6.98
CA ARG A 249 -5.78 -0.48 -6.52
C ARG A 249 -5.83 -0.43 -5.00
N PRO A 250 -5.27 0.62 -4.39
CA PRO A 250 -5.10 0.64 -2.92
C PRO A 250 -6.38 0.51 -2.15
N GLU A 251 -7.51 0.99 -2.69
CA GLU A 251 -8.79 0.86 -2.01
C GLU A 251 -9.19 -0.58 -1.76
N PHE A 252 -8.59 -1.55 -2.47
CA PHE A 252 -8.92 -2.96 -2.29
C PHE A 252 -7.96 -3.67 -1.34
N THR A 253 -6.94 -2.99 -0.81
CA THR A 253 -5.84 -3.69 -0.15
C THR A 253 -5.75 -3.37 1.34
N VAL A 254 -5.03 -4.25 2.04
CA VAL A 254 -4.61 -4.01 3.42
C VAL A 254 -3.16 -4.45 3.55
N ARG A 255 -2.40 -3.73 4.37
CA ARG A 255 -1.01 -4.04 4.62
C ARG A 255 -0.84 -4.43 6.08
N PHE A 256 0.00 -5.44 6.34
CA PHE A 256 0.19 -5.99 7.67
C PHE A 256 1.68 -5.97 8.00
N LYS A 257 2.04 -5.31 9.10
CA LYS A 257 3.41 -5.36 9.62
C LYS A 257 3.49 -6.46 10.68
N TRP A 258 4.30 -7.48 10.40
CA TRP A 258 4.44 -8.62 11.28
C TRP A 258 5.13 -8.25 12.58
N GLN A 259 4.79 -8.99 13.63
CA GLN A 259 5.61 -9.12 14.82
C GLN A 259 5.71 -10.59 15.15
N ALA A 260 6.74 -10.95 15.93
CA ALA A 260 6.83 -12.33 16.43
C ALA A 260 5.55 -12.69 17.14
N GLY A 261 5.05 -13.89 16.85
CA GLY A 261 3.79 -14.35 17.40
C GLY A 261 2.56 -13.89 16.65
N SER A 262 2.72 -13.18 15.54
CA SER A 262 1.56 -12.79 14.75
C SER A 262 1.12 -13.95 13.86
N VAL A 263 -0.17 -13.93 13.50
CA VAL A 263 -0.78 -14.96 12.64
C VAL A 263 -1.68 -14.27 11.65
N ALA A 264 -1.62 -14.70 10.38
CA ALA A 264 -2.52 -14.26 9.33
C ALA A 264 -3.27 -15.46 8.78
N PHE A 265 -4.58 -15.32 8.62
CA PHE A 265 -5.50 -16.39 8.25
C PHE A 265 -6.36 -15.81 7.13
N TRP A 266 -6.18 -16.27 5.88
CA TRP A 266 -6.89 -15.63 4.79
C TRP A 266 -7.68 -16.62 3.94
N ASP A 267 -8.72 -16.10 3.32
CA ASP A 267 -9.62 -16.86 2.45
C ASP A 267 -9.13 -16.70 1.01
N ASN A 268 -8.52 -17.77 0.48
CA ASN A 268 -8.01 -17.76 -0.89
C ASN A 268 -9.10 -17.71 -1.94
N ARG A 269 -10.36 -17.93 -1.56
CA ARG A 269 -11.42 -17.80 -2.55
C ARG A 269 -11.78 -16.36 -2.82
N ALA A 270 -11.25 -15.42 -2.03
CA ALA A 270 -11.63 -14.02 -2.12
C ALA A 270 -10.45 -13.07 -2.07
N THR A 271 -9.21 -13.56 -2.05
CA THR A 271 -8.05 -12.69 -1.93
C THR A 271 -6.95 -13.10 -2.90
N ALA A 272 -6.07 -12.14 -3.15
CA ALA A 272 -4.71 -12.40 -3.57
C ALA A 272 -3.80 -11.67 -2.59
N HIS A 273 -2.54 -12.07 -2.56
CA HIS A 273 -1.63 -11.42 -1.62
C HIS A 273 -0.26 -11.23 -2.24
N LEU A 274 0.56 -10.47 -1.52
CA LEU A 274 1.83 -9.98 -2.04
C LEU A 274 2.90 -10.14 -0.97
N ALA A 275 3.91 -10.95 -1.26
CA ALA A 275 5.02 -11.13 -0.33
C ALA A 275 5.98 -9.96 -0.43
N PRO A 276 6.72 -9.68 0.64
CA PRO A 276 7.67 -8.56 0.61
C PRO A 276 8.89 -8.88 -0.26
N THR A 277 9.45 -7.83 -0.86
CA THR A 277 10.68 -7.96 -1.63
C THR A 277 11.89 -7.36 -0.94
N ASP A 278 11.71 -6.75 0.23
CA ASP A 278 12.80 -6.10 0.96
C ASP A 278 13.57 -7.07 1.85
N ILE A 279 13.42 -8.39 1.65
CA ILE A 279 13.94 -9.35 2.61
C ILE A 279 15.46 -9.41 2.57
N PHE A 280 16.03 -9.60 1.38
CA PHE A 280 17.49 -9.55 1.24
C PHE A 280 18.03 -8.13 1.19
N ASP A 281 17.14 -7.14 1.11
CA ASP A 281 17.54 -5.74 1.18
C ASP A 281 18.06 -5.36 2.56
N LEU A 282 17.62 -6.07 3.60
CA LEU A 282 18.00 -5.79 4.97
C LEU A 282 18.66 -7.02 5.59
N ASP A 283 19.49 -6.77 6.60
CA ASP A 283 20.22 -7.84 7.29
C ASP A 283 19.47 -8.32 8.53
N PHE A 284 18.20 -8.67 8.32
CA PHE A 284 17.34 -9.25 9.35
C PHE A 284 16.91 -10.64 8.90
N ASP A 285 16.99 -11.62 9.79
CA ASP A 285 16.44 -12.93 9.49
C ASP A 285 14.92 -12.84 9.49
N ARG A 286 14.28 -13.74 8.74
CA ARG A 286 12.83 -13.75 8.66
C ARG A 286 12.38 -15.19 8.49
N GLN A 287 11.56 -15.67 9.43
CA GLN A 287 11.12 -17.06 9.44
C GLN A 287 9.64 -17.11 9.78
N LEU A 288 8.84 -17.66 8.87
CA LEU A 288 7.43 -17.90 9.12
C LEU A 288 7.11 -19.36 8.78
N TYR A 289 5.92 -19.81 9.17
CA TYR A 289 5.48 -21.16 8.88
C TYR A 289 4.04 -21.11 8.42
N ARG A 290 3.69 -21.96 7.45
CA ARG A 290 2.38 -21.90 6.83
C ARG A 290 1.70 -23.26 6.81
N THR A 291 0.41 -23.27 7.09
CA THR A 291 -0.47 -24.40 6.83
C THR A 291 -1.53 -23.95 5.83
N THR A 292 -2.07 -24.89 5.05
CA THR A 292 -3.16 -24.54 4.16
C THR A 292 -4.23 -25.62 4.25
N LEU A 293 -5.44 -25.25 3.87
CA LEU A 293 -6.61 -26.10 4.01
C LEU A 293 -7.13 -26.51 2.63
N VAL A 294 -7.46 -27.80 2.51
CA VAL A 294 -7.88 -28.37 1.24
C VAL A 294 -9.13 -27.68 0.73
N GLY A 295 -9.09 -27.22 -0.52
CA GLY A 295 -10.20 -26.55 -1.14
C GLY A 295 -10.90 -27.44 -2.15
N ASP A 296 -12.03 -26.95 -2.64
CA ASP A 296 -12.85 -27.62 -3.62
CA ASP A 296 -12.76 -27.70 -3.64
C ASP A 296 -12.59 -27.03 -5.01
N VAL A 297 -13.22 -27.63 -6.01
CA VAL A 297 -13.01 -27.19 -7.40
C VAL A 297 -13.82 -25.92 -7.63
N PRO A 298 -13.19 -24.83 -8.11
CA PRO A 298 -13.94 -23.58 -8.33
C PRO A 298 -15.05 -23.74 -9.35
N VAL A 299 -16.05 -22.86 -9.24
CA VAL A 299 -17.15 -22.82 -10.19
CA VAL A 299 -17.19 -22.82 -10.16
C VAL A 299 -17.40 -21.37 -10.59
N GLY A 300 -17.74 -21.17 -11.86
CA GLY A 300 -18.06 -19.86 -12.37
C GLY A 300 -19.55 -19.56 -12.26
N PRO A 301 -19.94 -18.32 -12.59
CA PRO A 301 -21.36 -17.95 -12.52
C PRO A 301 -22.27 -18.86 -13.31
N ASP A 302 -21.82 -19.42 -14.43
CA ASP A 302 -22.70 -20.32 -15.19
C ASP A 302 -22.69 -21.75 -14.68
N GLY A 303 -22.00 -22.03 -13.58
CA GLY A 303 -21.98 -23.37 -13.02
C GLY A 303 -20.86 -24.25 -13.53
N THR A 304 -19.99 -23.76 -14.39
CA THR A 304 -18.95 -24.58 -15.01
C THR A 304 -17.79 -24.73 -14.03
N GLN A 305 -17.46 -25.97 -13.67
CA GLN A 305 -16.31 -26.21 -12.81
C GLN A 305 -15.01 -26.02 -13.57
N SER A 306 -13.97 -25.69 -12.82
CA SER A 306 -12.61 -25.68 -13.35
C SER A 306 -12.26 -27.05 -13.92
N VAL A 307 -11.29 -27.07 -14.83
CA VAL A 307 -10.90 -28.29 -15.55
C VAL A 307 -9.39 -28.46 -15.43
N ALA A 308 -8.97 -29.62 -14.91
CA ALA A 308 -7.55 -29.93 -14.89
C ALA A 308 -7.06 -30.23 -16.30
N ILE A 309 -5.96 -29.59 -16.70
CA ILE A 309 -5.36 -29.81 -18.01
C ILE A 309 -4.08 -30.63 -17.89
N GLU A 310 -3.21 -30.28 -16.95
CA GLU A 310 -1.99 -31.03 -16.69
C GLU A 310 -1.72 -31.01 -15.19
N GLY A 311 -1.15 -32.11 -14.69
CA GLY A 311 -0.80 -32.23 -13.29
C GLY A 311 -1.87 -32.88 -12.42
N SER A 312 -1.48 -33.12 -11.15
CA SER A 312 -2.29 -33.76 -10.12
C SER A 312 -2.90 -32.71 -9.19
N PRO A 313 -3.99 -33.05 -8.49
CA PRO A 313 -4.62 -32.10 -7.57
C PRO A 313 -3.84 -31.97 -6.26
N VAL A 314 -4.22 -30.95 -5.49
CA VAL A 314 -3.62 -30.69 -4.18
C VAL A 314 -4.00 -31.81 -3.20
N SER B 19 17.06 12.19 24.32
CA SER B 19 17.26 11.36 23.14
C SER B 19 15.97 10.66 22.75
N ILE B 20 15.41 11.05 21.59
CA ILE B 20 14.15 10.50 21.14
C ILE B 20 14.30 9.02 20.77
N GLU B 21 13.17 8.33 20.71
CA GLU B 21 13.12 6.94 20.29
C GLU B 21 12.57 6.91 18.86
N VAL B 22 13.33 6.32 17.93
CA VAL B 22 12.96 6.27 16.52
C VAL B 22 12.72 4.82 16.14
N THR B 23 11.52 4.52 15.65
CA THR B 23 11.11 3.16 15.30
C THR B 23 10.76 3.11 13.82
N PRO B 24 11.65 2.61 12.97
CA PRO B 24 11.36 2.59 11.53
C PRO B 24 10.21 1.65 11.21
N LEU B 25 9.54 1.95 10.10
CA LEU B 25 8.33 1.24 9.72
C LEU B 25 8.44 0.46 8.42
N SER B 26 9.51 0.65 7.65
CA SER B 26 9.76 -0.14 6.45
C SER B 26 11.25 -0.05 6.15
N ALA B 27 11.68 -0.72 5.09
CA ALA B 27 13.12 -0.77 4.82
C ALA B 27 13.69 0.63 4.64
N HIS B 28 12.97 1.53 3.96
CA HIS B 28 13.59 2.82 3.70
C HIS B 28 12.67 4.03 3.83
N ILE B 29 11.46 3.89 4.37
CA ILE B 29 10.65 5.10 4.59
C ILE B 29 9.72 4.91 5.78
N GLY B 30 9.65 5.95 6.61
CA GLY B 30 8.68 6.01 7.69
C GLY B 30 9.26 5.58 9.01
N ALA B 31 9.03 6.36 10.06
CA ALA B 31 9.47 5.99 11.40
C ALA B 31 8.56 6.65 12.43
N GLU B 32 8.27 5.92 13.51
CA GLU B 32 7.58 6.50 14.65
C GLU B 32 8.62 7.12 15.58
N ILE B 33 8.26 8.26 16.15
CA ILE B 33 9.06 8.91 17.20
C ILE B 33 8.25 8.86 18.49
N HIS B 34 8.91 8.41 19.56
CA HIS B 34 8.33 8.45 20.89
C HIS B 34 9.30 9.17 21.83
N GLY B 35 8.77 9.59 22.98
CA GLY B 35 9.55 10.29 23.98
C GLY B 35 9.51 11.80 23.90
N VAL B 36 8.62 12.37 23.10
CA VAL B 36 8.51 13.81 22.93
C VAL B 36 7.08 14.22 23.24
N ASP B 37 6.92 15.29 24.01
CA ASP B 37 5.61 15.86 24.34
C ASP B 37 5.42 17.11 23.50
N LEU B 38 4.62 17.00 22.44
CA LEU B 38 4.50 18.09 21.48
C LEU B 38 3.67 19.25 22.00
N THR B 39 3.05 19.14 23.18
CA THR B 39 2.39 20.30 23.76
C THR B 39 3.39 21.27 24.37
N GLN B 40 4.64 20.84 24.57
CA GLN B 40 5.66 21.64 25.21
C GLN B 40 6.64 22.18 24.17
N LYS B 41 7.27 23.30 24.50
CA LYS B 41 8.41 23.75 23.70
C LYS B 41 9.54 22.75 23.85
N LEU B 42 10.22 22.45 22.74
CA LEU B 42 11.24 21.42 22.73
C LEU B 42 12.63 22.01 22.89
N GLU B 43 13.52 21.21 23.50
CA GLU B 43 14.92 21.57 23.60
C GLU B 43 15.58 21.52 22.22
N ALA B 44 16.69 22.23 22.07
CA ALA B 44 17.39 22.26 20.79
C ALA B 44 17.83 20.87 20.35
N ARG B 45 18.27 20.04 21.30
CA ARG B 45 18.71 18.69 20.94
C ARG B 45 17.55 17.84 20.44
N GLN B 46 16.37 17.97 21.06
CA GLN B 46 15.20 17.24 20.59
C GLN B 46 14.81 17.68 19.18
N ILE B 47 14.82 18.99 18.92
CA ILE B 47 14.50 19.49 17.59
C ILE B 47 15.48 18.95 16.56
N ALA B 48 16.77 18.96 16.89
CA ALA B 48 17.77 18.46 15.93
C ALA B 48 17.58 16.96 15.69
N GLU B 49 17.23 16.21 16.73
CA GLU B 49 17.05 14.77 16.56
C GLU B 49 15.83 14.46 15.71
N ILE B 50 14.73 15.19 15.92
CA ILE B 50 13.55 15.01 15.09
C ILE B 50 13.86 15.35 13.64
N ARG B 51 14.59 16.46 13.43
CA ARG B 51 14.92 16.89 12.07
C ARG B 51 15.77 15.84 11.37
N ALA B 52 16.74 15.26 12.09
CA ALA B 52 17.60 14.25 11.48
C ALA B 52 16.81 12.98 11.16
N ALA B 53 15.90 12.60 12.04
CA ALA B 53 15.05 11.43 11.77
C ALA B 53 14.17 11.69 10.56
N LEU B 54 13.67 12.91 10.42
CA LEU B 54 12.85 13.26 9.27
C LEU B 54 13.65 13.19 7.98
N LEU B 55 14.86 13.78 7.97
CA LEU B 55 15.67 13.71 6.75
C LEU B 55 16.01 12.27 6.41
N LYS B 56 16.20 11.42 7.40
CA LYS B 56 16.63 10.05 7.16
C LYS B 56 15.47 9.14 6.73
N TRP B 57 14.32 9.29 7.35
CA TRP B 57 13.20 8.38 7.12
C TRP B 57 12.09 8.99 6.26
N ARG B 58 12.24 10.26 5.86
CA ARG B 58 11.38 10.95 4.90
C ARG B 58 10.03 11.39 5.48
N VAL B 59 9.42 10.54 6.31
CA VAL B 59 8.21 10.91 7.04
C VAL B 59 8.30 10.29 8.43
N VAL B 60 8.00 11.08 9.46
CA VAL B 60 8.02 10.58 10.83
C VAL B 60 6.64 10.79 11.44
N PHE B 61 6.29 9.91 12.36
CA PHE B 61 4.95 9.88 12.94
C PHE B 61 5.02 9.96 14.46
N PHE B 62 4.05 10.68 15.05
CA PHE B 62 3.87 10.74 16.49
C PHE B 62 2.49 10.20 16.82
N ARG B 63 2.36 9.65 18.04
CA ARG B 63 1.09 9.14 18.54
C ARG B 63 0.75 9.82 19.86
N GLU B 64 -0.56 9.92 20.14
CA GLU B 64 -1.06 10.40 21.42
C GLU B 64 -0.59 11.82 21.70
N GLN B 65 -0.60 12.67 20.67
CA GLN B 65 -0.25 14.09 20.79
C GLN B 65 -1.51 14.90 20.52
N PHE B 66 -2.22 15.26 21.59
CA PHE B 66 -3.49 15.97 21.47
C PHE B 66 -3.22 17.46 21.61
N LEU B 67 -3.23 18.16 20.47
CA LEU B 67 -2.72 19.52 20.39
C LEU B 67 -3.84 20.53 20.11
N THR B 68 -3.64 21.74 20.62
CA THR B 68 -4.39 22.91 20.16
C THR B 68 -3.77 23.44 18.86
N HIS B 69 -4.52 24.30 18.17
CA HIS B 69 -3.97 24.97 16.99
C HIS B 69 -2.70 25.72 17.35
N GLU B 70 -2.69 26.39 18.50
CA GLU B 70 -1.50 27.12 18.93
C GLU B 70 -0.31 26.19 19.14
N GLN B 71 -0.54 25.04 19.78
CA GLN B 71 0.55 24.11 20.01
C GLN B 71 1.05 23.50 18.71
N HIS B 72 0.13 23.24 17.78
CA HIS B 72 0.52 22.72 16.46
C HIS B 72 1.40 23.73 15.73
N VAL B 73 1.01 25.00 15.75
CA VAL B 73 1.82 26.03 15.10
C VAL B 73 3.16 26.17 15.81
N ALA B 74 3.15 26.17 17.14
CA ALA B 74 4.39 26.33 17.90
C ALA B 74 5.37 25.19 17.62
N PHE B 75 4.86 23.96 17.54
CA PHE B 75 5.72 22.84 17.17
C PHE B 75 6.32 23.04 15.80
N SER B 76 5.48 23.45 14.83
CA SER B 76 5.93 23.59 13.46
C SER B 76 7.01 24.66 13.32
N ALA B 77 6.87 25.77 14.05
CA ALA B 77 7.80 26.89 13.88
C ALA B 77 9.21 26.55 14.34
N GLN B 78 9.39 25.46 15.07
CA GLN B 78 10.72 25.03 15.47
C GLN B 78 11.51 24.45 14.30
N PHE B 79 10.85 24.19 13.17
CA PHE B 79 11.51 23.58 12.03
C PHE B 79 11.54 24.47 10.79
N GLY B 80 10.85 25.60 10.79
CA GLY B 80 10.86 26.46 9.63
C GLY B 80 9.82 27.57 9.74
N GLU B 81 9.62 28.25 8.62
CA GLU B 81 8.64 29.33 8.52
C GLU B 81 7.31 28.76 8.08
N LEU B 82 6.23 29.13 8.76
CA LEU B 82 4.91 28.63 8.42
C LEU B 82 4.38 29.35 7.18
N THR B 83 3.73 28.59 6.29
CA THR B 83 2.97 29.25 5.23
C THR B 83 1.71 29.88 5.82
N LEU B 84 1.26 30.97 5.21
CA LEU B 84 0.09 31.70 5.64
C LEU B 84 -1.00 31.53 4.59
N GLY B 85 -2.18 31.12 5.04
CA GLY B 85 -3.11 30.36 4.22
C GLY B 85 -3.91 31.12 3.19
N HIS B 86 -5.08 30.56 2.86
CA HIS B 86 -6.03 30.97 1.85
C HIS B 86 -7.31 31.50 2.51
N PRO B 87 -7.91 32.57 1.98
CA PRO B 87 -9.07 33.16 2.65
C PRO B 87 -10.30 32.26 2.71
N VAL B 88 -10.35 31.18 1.93
CA VAL B 88 -11.56 30.35 1.86
C VAL B 88 -11.20 28.89 2.06
N PHE B 89 -10.37 28.36 1.17
CA PHE B 89 -10.03 26.94 1.18
C PHE B 89 -9.28 26.57 2.46
N GLY B 90 -9.86 25.68 3.24
CA GLY B 90 -9.24 25.20 4.46
C GLY B 90 -9.09 26.22 5.55
N HIS B 91 -9.73 27.38 5.43
CA HIS B 91 -9.50 28.47 6.36
C HIS B 91 -9.97 28.11 7.77
N VAL B 92 -9.12 28.39 8.75
CA VAL B 92 -9.46 28.24 10.16
C VAL B 92 -9.43 29.62 10.77
N GLU B 93 -10.56 30.06 11.31
CA GLU B 93 -10.67 31.42 11.85
C GLU B 93 -9.62 31.66 12.93
N GLY B 94 -8.91 32.79 12.80
CA GLY B 94 -7.90 33.17 13.77
C GLY B 94 -6.54 32.51 13.60
N HIS B 95 -6.39 31.61 12.63
CA HIS B 95 -5.15 30.84 12.47
C HIS B 95 -4.83 30.70 10.99
N PRO B 96 -4.20 31.72 10.40
CA PRO B 96 -3.87 31.65 8.97
C PRO B 96 -2.90 30.55 8.62
N GLU B 97 -2.20 30.00 9.61
CA GLU B 97 -1.20 28.95 9.35
C GLU B 97 -1.81 27.57 9.29
N VAL B 98 -3.07 27.39 9.71
CA VAL B 98 -3.65 26.07 9.90
C VAL B 98 -4.71 25.83 8.85
N TYR B 99 -4.61 24.70 8.16
CA TYR B 99 -5.55 24.32 7.12
C TYR B 99 -6.41 23.16 7.61
N SER B 100 -7.72 23.30 7.46
CA SER B 100 -8.67 22.29 7.89
C SER B 100 -8.84 21.25 6.79
N ILE B 101 -8.78 19.97 7.16
CA ILE B 101 -9.02 18.85 6.25
C ILE B 101 -10.18 18.05 6.83
N SER B 102 -11.30 18.04 6.12
CA SER B 102 -12.45 17.26 6.55
C SER B 102 -13.22 16.68 5.36
N GLN B 113 -16.41 10.58 -12.31
CA GLN B 113 -15.52 9.43 -12.26
C GLN B 113 -14.11 9.78 -12.71
N THR B 114 -13.13 9.30 -11.95
CA THR B 114 -11.73 9.55 -12.25
C THR B 114 -11.17 8.39 -13.08
N LEU B 115 -10.15 8.68 -13.86
CA LEU B 115 -9.45 7.65 -14.62
C LEU B 115 -8.38 7.06 -13.71
N GLN B 116 -8.57 5.78 -13.34
CA GLN B 116 -7.77 5.13 -12.30
C GLN B 116 -6.56 4.41 -12.89
N ARG B 117 -5.37 4.89 -12.52
CA ARG B 117 -4.09 4.28 -12.83
C ARG B 117 -3.32 4.11 -11.53
N PRO B 118 -2.20 3.37 -11.55
CA PRO B 118 -1.46 3.14 -10.29
C PRO B 118 -0.99 4.42 -9.60
N TRP B 119 -0.73 5.47 -10.36
CA TRP B 119 -0.26 6.73 -9.78
C TRP B 119 -1.39 7.70 -9.45
N THR B 120 -2.65 7.30 -9.66
CA THR B 120 -3.75 8.23 -9.41
C THR B 120 -3.75 8.67 -7.96
N GLY B 121 -3.80 9.99 -7.73
CA GLY B 121 -3.83 10.55 -6.40
C GLY B 121 -2.48 10.81 -5.77
N TRP B 122 -1.42 10.21 -6.29
CA TRP B 122 -0.08 10.42 -5.76
C TRP B 122 0.47 11.77 -6.17
N HIS B 123 1.04 12.50 -5.21
CA HIS B 123 1.51 13.85 -5.51
C HIS B 123 2.45 14.36 -4.42
N THR B 124 3.22 15.37 -4.79
CA THR B 124 4.00 16.18 -3.87
C THR B 124 3.33 17.55 -3.78
N ASP B 125 3.16 18.05 -2.56
CA ASP B 125 2.31 19.21 -2.35
C ASP B 125 2.79 20.46 -3.10
N VAL B 126 1.86 21.09 -3.81
CA VAL B 126 2.05 22.40 -4.44
C VAL B 126 3.25 22.45 -5.38
N THR B 127 3.53 21.35 -6.11
CA THR B 127 4.67 21.49 -7.02
C THR B 127 4.32 22.32 -8.24
N ALA B 128 3.06 22.73 -8.41
CA ALA B 128 2.78 23.70 -9.47
C ALA B 128 3.38 25.08 -9.16
N ALA B 129 3.86 25.30 -7.94
CA ALA B 129 4.49 26.56 -7.56
C ALA B 129 6.00 26.48 -7.72
N VAL B 130 6.64 27.65 -7.85
CA VAL B 130 8.09 27.66 -8.07
C VAL B 130 8.84 27.31 -6.78
N ASN B 131 8.25 27.59 -5.61
CA ASN B 131 8.84 27.26 -4.32
C ASN B 131 7.86 26.40 -3.52
N PRO B 132 7.77 25.10 -3.81
CA PRO B 132 6.86 24.24 -3.06
C PRO B 132 7.26 24.16 -1.61
N PRO B 133 6.30 23.96 -0.70
CA PRO B 133 6.65 23.85 0.73
C PRO B 133 7.56 22.64 0.96
N TRP B 134 8.56 22.82 1.83
CA TRP B 134 9.50 21.72 2.01
C TRP B 134 8.95 20.63 2.94
N ALA B 135 7.96 20.95 3.77
CA ALA B 135 7.44 19.95 4.70
C ALA B 135 6.02 20.31 5.08
N SER B 136 5.29 19.30 5.56
CA SER B 136 3.97 19.53 6.13
C SER B 136 3.86 18.74 7.42
N ILE B 137 3.03 19.25 8.33
CA ILE B 137 2.75 18.61 9.61
C ILE B 137 1.24 18.49 9.73
N LEU B 138 0.74 17.25 9.69
CA LEU B 138 -0.69 16.96 9.66
C LEU B 138 -1.08 16.24 10.94
N ARG B 139 -2.05 16.78 11.68
CA ARG B 139 -2.50 16.16 12.92
C ARG B 139 -3.95 15.71 12.84
N GLY B 140 -4.25 14.55 13.42
CA GLY B 140 -5.59 13.99 13.39
C GLY B 140 -6.34 14.25 14.68
N VAL B 141 -7.48 14.91 14.56
CA VAL B 141 -8.30 15.27 15.71
C VAL B 141 -9.50 14.34 15.85
N THR B 142 -10.30 14.20 14.79
CA THR B 142 -11.42 13.26 14.76
C THR B 142 -11.08 12.21 13.71
N ILE B 143 -10.84 10.98 14.16
CA ILE B 143 -10.28 9.96 13.28
C ILE B 143 -11.18 8.72 13.30
N PRO B 144 -11.60 8.24 12.14
CA PRO B 144 -12.48 7.06 12.10
C PRO B 144 -11.79 5.83 12.66
N PRO B 145 -12.54 4.89 13.25
CA PRO B 145 -11.93 3.63 13.73
C PRO B 145 -11.21 2.86 12.63
N TYR B 146 -11.63 2.98 11.38
CA TYR B 146 -10.91 2.38 10.27
C TYR B 146 -11.30 3.10 8.99
N GLY B 147 -10.52 2.86 7.95
CA GLY B 147 -10.57 3.67 6.75
C GLY B 147 -9.72 4.92 6.90
N GLY B 148 -9.34 5.48 5.76
CA GLY B 148 -8.66 6.77 5.76
C GLY B 148 -7.15 6.73 5.90
N ASP B 149 -6.50 5.58 5.65
CA ASP B 149 -5.05 5.50 5.75
C ASP B 149 -4.39 6.41 4.71
N THR B 150 -3.20 6.89 5.05
CA THR B 150 -2.38 7.70 4.14
C THR B 150 -1.12 6.91 3.78
N GLN B 151 -0.62 7.12 2.56
CA GLN B 151 0.62 6.47 2.14
C GLN B 151 1.61 7.52 1.64
N TRP B 152 2.89 7.20 1.79
CA TRP B 152 3.98 7.99 1.28
C TRP B 152 4.92 7.11 0.46
N THR B 153 5.61 7.72 -0.49
CA THR B 153 6.63 6.98 -1.23
C THR B 153 7.93 7.78 -1.22
N ASN B 154 9.04 7.04 -1.28
CA ASN B 154 10.38 7.60 -1.11
C ASN B 154 10.94 7.91 -2.50
N LEU B 155 10.96 9.19 -2.88
CA LEU B 155 11.43 9.57 -4.21
C LEU B 155 12.94 9.46 -4.38
N VAL B 156 13.67 9.42 -3.27
CA VAL B 156 15.12 9.27 -3.35
C VAL B 156 15.48 7.82 -3.64
N ALA B 157 14.87 6.90 -2.88
CA ALA B 157 15.00 5.48 -3.18
C ALA B 157 14.57 5.18 -4.61
N ALA B 158 13.44 5.77 -5.05
CA ALA B 158 12.97 5.53 -6.41
C ALA B 158 13.99 5.98 -7.45
N TYR B 159 14.56 7.18 -7.27
CA TYR B 159 15.61 7.63 -8.18
C TYR B 159 16.76 6.64 -8.22
N GLN B 160 17.22 6.20 -7.04
CA GLN B 160 18.40 5.37 -6.98
C GLN B 160 18.16 4.02 -7.62
N LYS B 161 16.91 3.56 -7.66
CA LYS B 161 16.57 2.26 -8.22
C LYS B 161 16.34 2.29 -9.72
N LEU B 162 16.24 3.48 -10.33
CA LEU B 162 16.34 3.54 -11.79
C LEU B 162 17.69 2.99 -12.21
N SER B 163 17.74 2.35 -13.38
CA SER B 163 19.03 1.93 -13.90
C SER B 163 19.90 3.15 -14.18
N ALA B 164 21.22 2.91 -14.26
CA ALA B 164 22.14 4.01 -14.49
C ALA B 164 21.84 4.79 -15.77
N PRO B 165 21.52 4.17 -16.91
CA PRO B 165 21.20 4.98 -18.09
C PRO B 165 19.94 5.81 -17.90
N LEU B 166 18.94 5.27 -17.21
CA LEU B 166 17.73 6.06 -16.94
C LEU B 166 18.03 7.23 -16.01
N ARG B 167 18.85 7.01 -14.98
CA ARG B 167 19.21 8.11 -14.07
C ARG B 167 19.90 9.25 -14.83
N SER B 168 20.91 8.91 -15.64
CA SER B 168 21.61 9.94 -16.41
CA SER B 168 21.60 9.94 -16.41
C SER B 168 20.65 10.66 -17.35
N PHE B 169 19.69 9.93 -17.93
CA PHE B 169 18.70 10.53 -18.82
C PHE B 169 17.81 11.53 -18.08
N VAL B 170 17.17 11.11 -16.97
CA VAL B 170 16.24 12.02 -16.31
C VAL B 170 16.98 13.15 -15.59
N ASP B 171 18.27 12.97 -15.26
CA ASP B 171 19.04 14.06 -14.66
C ASP B 171 18.92 15.34 -15.47
N GLY B 172 18.91 15.22 -16.80
CA GLY B 172 18.90 16.35 -17.70
C GLY B 172 17.53 16.86 -18.11
N LEU B 173 16.45 16.27 -17.61
CA LEU B 173 15.10 16.60 -18.06
C LEU B 173 14.42 17.59 -17.13
N ARG B 174 13.52 18.39 -17.71
CA ARG B 174 12.68 19.34 -17.00
C ARG B 174 11.22 19.00 -17.25
N GLY B 175 10.36 19.38 -16.30
CA GLY B 175 8.95 19.05 -16.38
C GLY B 175 8.07 20.24 -16.04
N ILE B 176 6.92 20.31 -16.71
CA ILE B 176 5.94 21.37 -16.47
C ILE B 176 4.91 20.84 -15.48
N HIS B 177 4.77 21.55 -14.36
CA HIS B 177 3.75 21.25 -13.36
C HIS B 177 2.65 22.31 -13.43
N ARG B 178 1.39 21.86 -13.39
CA ARG B 178 0.24 22.76 -13.52
C ARG B 178 -0.78 22.45 -12.45
N PHE B 179 -1.47 23.50 -12.00
CA PHE B 179 -2.61 23.35 -11.12
C PHE B 179 -3.61 24.44 -11.45
N THR B 180 -4.89 24.06 -11.52
CA THR B 180 -5.98 24.99 -11.74
C THR B 180 -6.88 24.99 -10.51
N PRO B 181 -6.90 26.09 -9.73
CA PRO B 181 -7.75 26.11 -8.54
C PRO B 181 -9.22 26.09 -8.93
N PRO B 182 -10.10 25.52 -8.09
CA PRO B 182 -11.55 25.54 -8.28
C PRO B 182 -12.12 26.95 -8.39
N ILE B 199 -4.30 30.05 -12.19
CA ILE B 199 -3.61 28.92 -12.81
C ILE B 199 -2.10 29.02 -12.57
N LEU B 200 -1.54 27.99 -11.93
CA LEU B 200 -0.13 27.92 -11.65
C LEU B 200 0.56 27.03 -12.68
N VAL B 201 1.66 27.52 -13.25
CA VAL B 201 2.48 26.73 -14.17
C VAL B 201 3.95 26.98 -13.83
N THR B 202 4.69 25.91 -13.59
CA THR B 202 6.09 25.99 -13.20
C THR B 202 6.89 24.90 -13.91
N GLU B 203 8.10 25.24 -14.33
CA GLU B 203 9.04 24.27 -14.85
C GLU B 203 9.99 23.85 -13.74
N HIS B 204 10.00 22.56 -13.41
CA HIS B 204 10.86 21.98 -12.38
C HIS B 204 11.85 21.00 -12.99
N PRO B 205 13.00 20.77 -12.35
CA PRO B 205 13.83 19.62 -12.73
C PRO B 205 13.06 18.33 -12.48
N LEU B 206 13.28 17.35 -13.35
CA LEU B 206 12.72 16.04 -13.04
C LEU B 206 13.48 15.36 -11.90
N VAL B 207 14.73 15.76 -11.67
CA VAL B 207 15.53 15.25 -10.57
C VAL B 207 15.87 16.42 -9.65
N ARG B 208 15.37 16.39 -8.42
CA ARG B 208 15.60 17.48 -7.48
C ARG B 208 16.73 17.12 -6.52
N VAL B 209 17.74 17.98 -6.45
CA VAL B 209 18.85 17.77 -5.52
C VAL B 209 18.47 18.29 -4.14
N HIS B 210 18.43 17.40 -3.16
CA HIS B 210 17.96 17.76 -1.83
C HIS B 210 18.90 18.79 -1.20
N PRO B 211 18.39 19.94 -0.73
CA PRO B 211 19.29 21.00 -0.26
C PRO B 211 19.98 20.73 1.06
N GLU B 212 19.53 19.76 1.85
CA GLU B 212 20.20 19.44 3.12
C GLU B 212 21.03 18.16 3.06
N THR B 213 20.63 17.18 2.26
CA THR B 213 21.35 15.92 2.21
C THR B 213 22.16 15.72 0.94
N GLY B 214 21.89 16.50 -0.10
CA GLY B 214 22.55 16.30 -1.38
C GLY B 214 22.03 15.13 -2.18
N GLU B 215 21.04 14.40 -1.67
CA GLU B 215 20.48 13.28 -2.40
C GLU B 215 19.65 13.77 -3.58
N ARG B 216 19.47 12.89 -4.57
CA ARG B 216 18.63 13.18 -5.73
C ARG B 216 17.29 12.49 -5.58
N ALA B 217 16.22 13.27 -5.74
CA ALA B 217 14.85 12.76 -5.67
C ALA B 217 14.23 12.74 -7.06
N LEU B 218 13.51 11.66 -7.37
CA LEU B 218 12.77 11.57 -8.62
C LEU B 218 11.51 12.40 -8.46
N TYR B 219 11.56 13.66 -8.93
CA TYR B 219 10.63 14.71 -8.52
C TYR B 219 9.44 14.76 -9.48
N VAL B 220 8.65 13.68 -9.48
CA VAL B 220 7.71 13.43 -10.57
C VAL B 220 6.25 13.61 -10.15
N SER B 221 5.98 14.18 -8.96
CA SER B 221 4.68 14.65 -8.47
C SER B 221 3.50 14.31 -9.39
N PRO B 222 2.97 13.09 -9.35
CA PRO B 222 2.12 12.62 -10.47
C PRO B 222 0.84 13.42 -10.68
N SER B 223 0.23 14.00 -9.64
CA SER B 223 -1.00 14.76 -9.87
C SER B 223 -0.75 16.06 -10.63
N PHE B 224 0.45 16.62 -10.56
CA PHE B 224 0.70 17.97 -11.08
C PHE B 224 1.65 18.01 -12.26
N LEU B 225 2.55 17.05 -12.37
CA LEU B 225 3.50 17.04 -13.49
C LEU B 225 2.77 16.62 -14.77
N LYS B 226 2.78 17.49 -15.78
CA LYS B 226 1.97 17.29 -16.98
C LYS B 226 2.77 16.86 -18.19
N SER B 227 4.00 17.36 -18.34
CA SER B 227 4.76 17.06 -19.54
C SER B 227 6.24 17.25 -19.26
N ILE B 228 7.05 16.60 -20.09
CA ILE B 228 8.50 16.73 -20.07
C ILE B 228 8.91 17.71 -21.15
N VAL B 229 9.72 18.70 -20.78
CA VAL B 229 10.11 19.75 -21.73
C VAL B 229 11.00 19.18 -22.81
N GLY B 230 10.72 19.55 -24.07
CA GLY B 230 11.65 19.30 -25.16
C GLY B 230 11.58 17.93 -25.80
N VAL B 231 10.59 17.11 -25.43
CA VAL B 231 10.35 15.83 -26.07
C VAL B 231 8.94 15.87 -26.67
N SER B 232 8.63 14.89 -27.52
CA SER B 232 7.33 14.89 -28.17
C SER B 232 6.22 14.53 -27.17
N PRO B 233 4.97 14.87 -27.49
CA PRO B 233 3.88 14.51 -26.57
C PRO B 233 3.84 13.02 -26.24
N ARG B 234 4.08 12.14 -27.22
CA ARG B 234 4.03 10.70 -26.94
C ARG B 234 5.26 10.27 -26.15
N GLU B 235 6.44 10.81 -26.50
CA GLU B 235 7.63 10.51 -25.69
C GLU B 235 7.41 10.90 -24.24
N SER B 236 6.87 12.10 -24.02
CA SER B 236 6.60 12.59 -22.66
C SER B 236 5.62 11.65 -21.96
N GLN B 237 4.54 11.29 -22.63
CA GLN B 237 3.53 10.42 -22.03
C GLN B 237 4.14 9.08 -21.59
N VAL B 238 4.90 8.46 -22.49
CA VAL B 238 5.49 7.14 -22.21
C VAL B 238 6.47 7.23 -21.04
N LEU B 239 7.32 8.26 -21.05
CA LEU B 239 8.33 8.40 -20.01
C LEU B 239 7.69 8.72 -18.66
N LEU B 240 6.69 9.60 -18.64
CA LEU B 240 6.02 9.88 -17.37
C LEU B 240 5.34 8.63 -16.81
N GLU B 241 4.63 7.86 -17.66
CA GLU B 241 3.99 6.66 -17.16
C GLU B 241 5.01 5.64 -16.64
N LEU B 242 6.17 5.56 -17.29
CA LEU B 242 7.25 4.70 -16.78
C LEU B 242 7.68 5.12 -15.39
N LEU B 243 7.96 6.42 -15.21
CA LEU B 243 8.45 6.91 -13.92
C LEU B 243 7.36 6.88 -12.85
N TRP B 244 6.11 7.13 -13.24
CA TRP B 244 5.01 7.11 -12.27
C TRP B 244 4.70 5.70 -11.79
N GLU B 245 4.75 4.73 -12.70
CA GLU B 245 4.63 3.34 -12.28
C GLU B 245 5.76 2.95 -11.35
N HIS B 246 6.97 3.41 -11.66
CA HIS B 246 8.14 3.08 -10.85
C HIS B 246 8.00 3.62 -9.43
N VAL B 247 7.61 4.89 -9.27
CA VAL B 247 7.63 5.50 -7.94
C VAL B 247 6.55 4.96 -7.04
N THR B 248 5.55 4.26 -7.58
CA THR B 248 4.50 3.70 -6.78
C THR B 248 4.74 2.22 -6.47
N ARG B 249 5.92 1.68 -6.75
CA ARG B 249 6.19 0.30 -6.39
C ARG B 249 6.18 0.14 -4.87
N PRO B 250 5.58 -0.95 -4.35
CA PRO B 250 5.42 -1.10 -2.89
C PRO B 250 6.70 -1.00 -2.10
N GLU B 251 7.83 -1.40 -2.68
CA GLU B 251 9.10 -1.34 -1.95
C GLU B 251 9.48 0.09 -1.56
N PHE B 252 8.92 1.11 -2.21
CA PHE B 252 9.24 2.49 -1.89
C PHE B 252 8.26 3.13 -0.92
N THR B 253 7.23 2.40 -0.46
CA THR B 253 6.10 3.04 0.21
C THR B 253 5.98 2.64 1.68
N VAL B 254 5.25 3.47 2.42
CA VAL B 254 4.80 3.15 3.76
C VAL B 254 3.34 3.59 3.90
N ARG B 255 2.55 2.82 4.64
CA ARG B 255 1.15 3.10 4.90
C ARG B 255 0.95 3.40 6.38
N PHE B 256 0.10 4.37 6.69
CA PHE B 256 -0.12 4.85 8.06
C PHE B 256 -1.60 4.81 8.37
N LYS B 257 -1.96 4.11 9.45
CA LYS B 257 -3.33 4.10 9.92
C LYS B 257 -3.45 5.10 11.06
N TRP B 258 -4.29 6.11 10.85
CA TRP B 258 -4.42 7.21 11.79
C TRP B 258 -5.16 6.79 13.06
N GLN B 259 -4.81 7.46 14.15
CA GLN B 259 -5.61 7.47 15.36
C GLN B 259 -5.75 8.92 15.80
N ALA B 260 -6.75 9.19 16.63
CA ALA B 260 -6.85 10.51 17.26
C ALA B 260 -5.55 10.81 17.97
N GLY B 261 -5.06 12.05 17.80
CA GLY B 261 -3.80 12.44 18.39
C GLY B 261 -2.57 12.05 17.61
N SER B 262 -2.73 11.46 16.43
CA SER B 262 -1.55 11.13 15.63
C SER B 262 -1.10 12.34 14.81
N VAL B 263 0.20 12.36 14.52
CA VAL B 263 0.81 13.45 13.75
C VAL B 263 1.73 12.82 12.70
N ALA B 264 1.65 13.33 11.47
CA ALA B 264 2.56 12.95 10.40
C ALA B 264 3.35 14.18 9.96
N PHE B 265 4.66 14.03 9.85
CA PHE B 265 5.59 15.12 9.54
C PHE B 265 6.45 14.62 8.39
N TRP B 266 6.26 15.15 7.18
CA TRP B 266 6.96 14.59 6.03
C TRP B 266 7.74 15.65 5.26
N ASP B 267 8.79 15.17 4.60
CA ASP B 267 9.73 15.99 3.82
C ASP B 267 9.26 15.94 2.37
N ASN B 268 8.61 17.02 1.92
CA ASN B 268 8.12 17.12 0.54
C ASN B 268 9.23 17.16 -0.50
N ARG B 269 10.47 17.38 -0.11
CA ARG B 269 11.52 17.37 -1.10
C ARG B 269 11.93 15.96 -1.49
N ALA B 270 11.47 14.94 -0.74
CA ALA B 270 11.88 13.56 -0.96
C ALA B 270 10.71 12.59 -1.01
N THR B 271 9.47 13.07 -1.02
CA THR B 271 8.32 12.16 -0.96
C THR B 271 7.23 12.64 -1.89
N ALA B 272 6.38 11.69 -2.27
CA ALA B 272 5.01 11.99 -2.66
C ALA B 272 4.10 11.21 -1.74
N HIS B 273 2.82 11.58 -1.70
CA HIS B 273 1.90 10.91 -0.81
C HIS B 273 0.55 10.75 -1.48
N LEU B 274 -0.28 9.92 -0.86
CA LEU B 274 -1.55 9.50 -1.40
C LEU B 274 -2.61 9.64 -0.32
N ALA B 275 -3.58 10.51 -0.57
CA ALA B 275 -4.70 10.69 0.35
C ALA B 275 -5.69 9.54 0.21
N PRO B 276 -6.41 9.21 1.28
CA PRO B 276 -7.38 8.12 1.20
C PRO B 276 -8.58 8.50 0.34
N THR B 277 -9.16 7.51 -0.30
CA THR B 277 -10.43 7.66 -1.00
C THR B 277 -11.54 6.84 -0.36
N ASP B 278 -11.21 5.93 0.55
CA ASP B 278 -12.20 5.06 1.19
C ASP B 278 -13.03 5.80 2.24
N ILE B 279 -12.72 7.06 2.55
CA ILE B 279 -13.54 7.81 3.50
C ILE B 279 -14.88 8.18 2.85
N PHE B 280 -14.83 8.67 1.61
CA PHE B 280 -16.03 8.92 0.83
C PHE B 280 -16.64 7.55 0.47
N ASP B 281 -17.29 6.96 1.47
CA ASP B 281 -17.74 5.57 1.44
C ASP B 281 -18.36 5.23 2.78
N LEU B 282 -17.62 5.49 3.85
CA LEU B 282 -17.99 5.15 5.21
C LEU B 282 -18.67 6.31 5.91
N ASP B 283 -19.37 6.00 7.00
CA ASP B 283 -20.18 6.97 7.72
C ASP B 283 -19.37 7.89 8.63
N PHE B 284 -18.11 7.57 8.88
CA PHE B 284 -17.36 8.21 9.96
C PHE B 284 -16.93 9.63 9.61
N ASP B 285 -16.96 10.50 10.61
CA ASP B 285 -16.43 11.84 10.46
C ASP B 285 -14.91 11.80 10.56
N ARG B 286 -14.26 12.77 9.91
CA ARG B 286 -12.80 12.80 9.85
C ARG B 286 -12.36 14.25 9.80
N GLN B 287 -11.58 14.68 10.79
CA GLN B 287 -11.11 16.06 10.89
C GLN B 287 -9.62 16.05 11.22
N LEU B 288 -8.82 16.63 10.32
CA LEU B 288 -7.40 16.81 10.55
C LEU B 288 -7.07 18.28 10.32
N TYR B 289 -5.89 18.68 10.79
CA TYR B 289 -5.39 20.03 10.56
C TYR B 289 -3.94 19.95 10.12
N ARG B 290 -3.56 20.83 9.19
CA ARG B 290 -2.25 20.78 8.58
C ARG B 290 -1.59 22.16 8.67
N THR B 291 -0.30 22.15 8.94
CA THR B 291 0.55 23.31 8.73
C THR B 291 1.59 22.92 7.69
N THR B 292 2.14 23.91 6.98
CA THR B 292 3.22 23.57 6.06
C THR B 292 4.31 24.64 6.17
N LEU B 293 5.52 24.23 5.83
CA LEU B 293 6.71 25.05 6.02
C LEU B 293 7.20 25.54 4.66
N VAL B 294 7.53 26.83 4.59
CA VAL B 294 7.96 27.47 3.34
C VAL B 294 9.25 26.84 2.85
N GLY B 295 9.28 26.49 1.56
CA GLY B 295 10.44 25.86 0.95
C GLY B 295 11.15 26.81 -0.01
N ASP B 296 12.30 26.37 -0.49
CA ASP B 296 13.11 27.13 -1.44
C ASP B 296 12.83 26.66 -2.87
N VAL B 297 13.45 27.33 -3.83
CA VAL B 297 13.29 26.97 -5.24
C VAL B 297 14.10 25.69 -5.51
N PRO B 298 13.51 24.67 -6.11
CA PRO B 298 14.26 23.44 -6.40
C PRO B 298 15.40 23.69 -7.39
N VAL B 299 16.41 22.82 -7.33
CA VAL B 299 17.56 22.84 -8.21
CA VAL B 299 17.53 22.85 -8.25
C VAL B 299 17.79 21.43 -8.74
N GLY B 300 18.11 21.31 -10.04
CA GLY B 300 18.43 20.03 -10.63
C GLY B 300 19.92 19.72 -10.56
N PRO B 301 20.31 18.55 -11.06
CA PRO B 301 21.72 18.16 -10.98
C PRO B 301 22.66 19.12 -11.67
N ASP B 302 22.22 19.79 -12.74
CA ASP B 302 23.08 20.75 -13.44
C ASP B 302 23.06 22.14 -12.81
N GLY B 303 22.37 22.32 -11.68
CA GLY B 303 22.33 23.61 -11.02
C GLY B 303 21.22 24.54 -11.48
N THR B 304 20.43 24.16 -12.47
CA THR B 304 19.36 25.02 -12.99
C THR B 304 18.20 25.04 -12.01
N GLN B 305 17.83 26.24 -11.55
CA GLN B 305 16.66 26.42 -10.69
C GLN B 305 15.39 26.27 -11.49
N SER B 306 14.31 25.90 -10.79
CA SER B 306 12.96 25.94 -11.32
C SER B 306 12.60 27.35 -11.78
N VAL B 307 11.65 27.43 -12.71
CA VAL B 307 11.25 28.69 -13.33
C VAL B 307 9.74 28.80 -13.29
N ALA B 308 9.23 29.89 -12.71
CA ALA B 308 7.80 30.17 -12.77
C ALA B 308 7.41 30.58 -14.19
N ILE B 309 6.34 30.01 -14.70
CA ILE B 309 5.79 30.35 -16.01
C ILE B 309 4.50 31.16 -15.89
N GLU B 310 3.58 30.72 -15.05
CA GLU B 310 2.33 31.42 -14.79
C GLU B 310 1.95 31.27 -13.33
N GLY B 311 1.19 32.22 -12.82
CA GLY B 311 0.64 32.02 -11.48
C GLY B 311 0.41 33.27 -10.66
N SER B 312 -0.72 33.30 -10.00
CA SER B 312 -1.10 34.35 -9.06
C SER B 312 -0.72 33.95 -7.64
N PRO B 313 -0.41 34.92 -6.79
CA PRO B 313 -0.19 34.59 -5.37
C PRO B 313 -1.42 33.98 -4.73
N VAL B 314 -2.61 34.43 -5.11
CA VAL B 314 -3.85 33.82 -4.60
C VAL B 314 -3.96 32.37 -5.05
N SER B 315 -3.64 32.10 -6.31
CA SER B 315 -3.70 30.73 -6.81
C SER B 315 -2.72 29.82 -6.09
N ALA B 316 -1.55 30.35 -5.70
CA ALA B 316 -0.57 29.54 -4.99
C ALA B 316 -1.07 29.15 -3.60
N ALA B 317 -1.65 30.10 -2.87
CA ALA B 317 -2.18 29.80 -1.54
C ALA B 317 -3.31 28.77 -1.62
N ALA B 318 -4.12 28.84 -2.68
CA ALA B 318 -5.17 27.84 -2.87
C ALA B 318 -4.59 26.45 -3.06
N ALA B 319 -3.44 26.37 -3.76
CA ALA B 319 -2.77 25.08 -3.91
C ALA B 319 -2.24 24.58 -2.57
N VAL B 320 -1.59 25.46 -1.79
CA VAL B 320 -1.12 25.08 -0.46
C VAL B 320 -2.28 24.56 0.37
N ALA B 321 -3.44 25.22 0.28
CA ALA B 321 -4.57 24.84 1.12
C ALA B 321 -5.24 23.55 0.65
N LEU B 322 -5.15 23.24 -0.65
CA LEU B 322 -5.92 22.15 -1.21
C LEU B 322 -5.10 20.92 -1.59
N ASN B 323 -3.84 21.07 -1.98
CA ASN B 323 -3.05 19.93 -2.46
C ASN B 323 -2.80 18.89 -1.37
NA NA C . 1.47 -17.28 -1.50
C1 EDO D . -18.03 -9.63 12.35
O1 EDO D . -17.55 -10.97 12.19
C2 EDO D . -16.84 -8.68 12.45
O2 EDO D . -17.21 -7.35 12.06
C1 EDO E . -0.41 0.12 8.06
O1 EDO E . -1.08 0.22 9.32
C2 EDO E . 0.30 -1.22 7.98
O2 EDO E . 0.92 -1.48 9.24
C1 EDO F . 6.64 -4.40 1.42
O1 EDO F . 7.46 -4.41 0.24
C2 EDO F . 5.28 -3.78 1.12
O2 EDO F . 4.53 -4.60 0.21
C1 EDO G . -4.30 -33.81 0.48
C1 EDO G . -4.60 -33.40 0.79
O1 EDO G . -3.56 -32.59 0.39
O1 EDO G . -3.35 -32.94 0.28
C2 EDO G . -4.23 -34.36 1.90
C2 EDO G . -4.41 -34.01 2.18
O2 EDO G . -4.94 -33.51 2.81
O2 EDO G . -3.68 -35.23 2.09
C1 EDO H . -17.30 -5.63 5.95
O1 EDO H . -18.69 -5.36 5.77
C2 EDO H . -16.63 -5.77 4.60
O2 EDO H . -17.14 -4.76 3.71
C1 EDO I . -15.34 -24.57 2.64
O1 EDO I . -16.33 -24.49 1.62
C2 EDO I . -14.39 -25.74 2.35
O2 EDO I . -13.82 -25.58 1.05
C1 EDO J . 5.02 -9.69 -13.45
O1 EDO J . 6.34 -9.57 -12.92
C2 EDO J . 4.84 -8.67 -14.57
O2 EDO J . 5.91 -8.79 -15.51
C1 EDO K . 6.07 -14.67 2.78
O1 EDO K . 7.29 -14.07 2.35
C2 EDO K . 5.42 -13.78 3.83
O2 EDO K . 4.46 -12.93 3.21
C1 GOL L . 2.23 -10.53 -20.52
O1 GOL L . 3.01 -9.95 -21.54
C2 GOL L . 0.96 -9.71 -20.31
O2 GOL L . 1.19 -8.66 -19.39
C3 GOL L . -0.16 -10.60 -19.80
O3 GOL L . -0.38 -11.62 -20.74
NA NA M . -1.18 16.44 -0.62
C1 EDO N . 17.93 4.85 6.41
O1 EDO N . 18.90 3.80 6.43
C2 EDO N . 16.74 4.41 5.55
O2 EDO N . 17.19 4.03 4.25
C1 EDO O . -6.45 3.07 1.12
O1 EDO O . -7.13 4.32 0.98
C2 EDO O . -4.97 3.30 1.44
O2 EDO O . -4.36 4.01 0.36
C1 EDO P . -0.90 10.40 -19.88
O1 EDO P . -0.58 9.48 -18.83
C2 EDO P . -0.46 11.83 -19.54
O2 EDO P . 0.97 11.98 -19.66
C1 EDO Q . 14.02 24.27 4.01
O1 EDO Q . 14.12 25.58 3.44
C2 EDO Q . 15.32 23.88 4.70
O2 EDO Q . 16.31 23.61 3.70
C1 EDO R . 17.59 7.90 13.80
O1 EDO R . 17.60 9.25 13.27
C2 EDO R . 17.03 6.98 12.73
O2 EDO R . 17.14 5.59 13.06
C1 EDO S . -7.46 24.68 19.57
O1 EDO S . -7.28 26.10 19.46
C2 EDO S . -8.27 24.17 18.38
O2 EDO S . -8.05 22.76 18.21
C1 EDO T . -4.57 10.05 -12.71
O1 EDO T . -5.84 9.84 -12.09
C2 EDO T . -4.38 9.11 -13.88
O2 EDO T . -5.47 9.25 -14.81
C1 EDO U . 18.59 2.83 11.12
O1 EDO U . 18.23 1.67 11.90
C2 EDO U . 19.84 2.57 10.29
O2 EDO U . 19.54 2.71 8.90
C1 GOL V . -4.79 13.03 3.38
O1 GOL V . -4.14 12.07 4.19
C2 GOL V . -6.25 13.12 3.78
O2 GOL V . -6.32 13.39 5.15
C3 GOL V . -6.95 14.23 2.99
O3 GOL V . -8.19 13.75 2.50
#